data_5NEY
#
_entry.id   5NEY
#
_cell.length_a   94.925
_cell.length_b   45.748
_cell.length_c   103.850
_cell.angle_alpha   90.00
_cell.angle_beta   114.98
_cell.angle_gamma   90.00
#
_symmetry.space_group_name_H-M   'C 1 2 1'
#
loop_
_entity.id
_entity.type
_entity.pdbx_description
1 polymer 'Fucose-binding lectin II (PA-IIL)'
2 polymer CYS-TRD-TRP-LYD-LYS-LYD-LYS-LYD-TRP-TRD-CYS-ALA
3 non-polymer '3,7-anhydro-2,8-dideoxy-L-glycero-D-gluco-octonic acid'
4 non-polymer 'CALCIUM ION'
5 non-polymer ORTHO-XYLENE
6 water water
#
loop_
_entity_poly.entity_id
_entity_poly.type
_entity_poly.pdbx_seq_one_letter_code
_entity_poly.pdbx_strand_id
1 'polypeptide(L)'
;ATQGVFTLPANTRFGVTAFANSSGTQTVNVLVNNETAATFSGQSTNNAVIGTQVLNSGSSGKVQVQVSVNGRPSDLVSAQ
VILTNELNFALVGSEDGTDNDYNDAVVVINWPLG
;
A,B,C,D
2 'polypeptide(L)' C(DTR)W(DLY)K(DLY)K(DLY)W(DTR)CA E
#
loop_
_chem_comp.id
_chem_comp.type
_chem_comp.name
_chem_comp.formula
CA non-polymer 'CALCIUM ION' 'Ca 2'
OXE non-polymer ORTHO-XYLENE 'C8 H10'
ZDC D-saccharide '3,7-anhydro-2,8-dideoxy-L-glycero-D-gluco-octonic acid' 'C8 H14 O6'
#
# COMPACT_ATOMS: atom_id res chain seq x y z
N ALA A 1 -12.71 -10.80 -4.41
CA ALA A 1 -13.09 -9.53 -3.80
C ALA A 1 -13.31 -8.43 -4.83
N THR A 2 -14.28 -7.58 -4.54
CA THR A 2 -14.55 -6.42 -5.36
C THR A 2 -13.30 -5.55 -5.47
N GLN A 3 -13.04 -5.03 -6.67
CA GLN A 3 -11.90 -4.15 -6.90
C GLN A 3 -12.36 -2.92 -7.66
N GLY A 4 -11.59 -1.83 -7.54
CA GLY A 4 -11.91 -0.60 -8.23
C GLY A 4 -12.96 0.27 -7.55
N VAL A 5 -13.34 -0.05 -6.30
CA VAL A 5 -14.34 0.67 -5.55
C VAL A 5 -13.65 1.32 -4.36
N PHE A 6 -13.85 2.63 -4.19
CA PHE A 6 -13.18 3.36 -3.11
C PHE A 6 -14.17 4.26 -2.38
N THR A 7 -14.07 4.30 -1.07
CA THR A 7 -14.85 5.26 -0.28
C THR A 7 -13.98 6.48 0.03
N LEU A 8 -14.31 7.58 -0.56
CA LEU A 8 -13.63 8.84 -0.33
C LEU A 8 -14.35 9.64 0.73
N PRO A 9 -13.67 10.59 1.38
CA PRO A 9 -14.40 11.49 2.27
C PRO A 9 -15.39 12.29 1.44
N ALA A 10 -16.54 12.60 2.06
CA ALA A 10 -17.62 13.23 1.32
C ALA A 10 -17.25 14.66 0.91
N ASN A 11 -17.87 15.12 -0.18
CA ASN A 11 -17.77 16.51 -0.62
C ASN A 11 -16.32 16.98 -0.80
N THR A 12 -15.50 16.11 -1.35
CA THR A 12 -14.07 16.34 -1.45
C THR A 12 -13.69 16.22 -2.92
N ARG A 13 -13.05 17.26 -3.46
CA ARG A 13 -12.51 17.17 -4.82
C ARG A 13 -11.40 16.13 -4.86
N PHE A 14 -11.33 15.40 -5.98
CA PHE A 14 -10.26 14.44 -6.20
C PHE A 14 -9.91 14.40 -7.68
N GLY A 15 -8.69 13.96 -7.95
CA GLY A 15 -8.24 13.79 -9.31
C GLY A 15 -8.33 12.34 -9.74
N VAL A 16 -8.63 12.12 -11.01
CA VAL A 16 -8.57 10.80 -11.61
C VAL A 16 -7.84 10.89 -12.95
N THR A 17 -6.88 9.98 -13.16
CA THR A 17 -6.01 10.00 -14.33
C THR A 17 -5.88 8.58 -14.82
N ALA A 18 -6.10 8.37 -16.12
CA ALA A 18 -6.02 7.05 -16.72
C ALA A 18 -4.86 6.98 -17.72
N PHE A 19 -4.12 5.87 -17.66
CA PHE A 19 -3.03 5.54 -18.58
C PHE A 19 -3.35 4.26 -19.34
N ALA A 20 -2.87 4.15 -20.58
CA ALA A 20 -3.09 2.97 -21.39
C ALA A 20 -1.77 2.29 -21.76
N ASN A 21 -1.74 0.95 -21.63
CA ASN A 21 -0.58 0.15 -22.03
C ASN A 21 -1.09 -1.16 -22.66
N SER A 22 -1.59 -1.08 -23.89
CA SER A 22 -2.21 -2.25 -24.51
C SER A 22 -2.40 -1.99 -26.00
N SER A 23 -2.40 -3.07 -26.77
CA SER A 23 -2.78 -3.00 -28.17
C SER A 23 -4.27 -2.74 -28.34
N GLY A 24 -5.08 -2.99 -27.33
CA GLY A 24 -6.50 -2.71 -27.42
C GLY A 24 -6.87 -1.33 -26.90
N THR A 25 -7.93 -0.77 -27.48
CA THR A 25 -8.49 0.49 -27.02
C THR A 25 -9.12 0.29 -25.65
N GLN A 26 -8.63 1.04 -24.68
CA GLN A 26 -9.18 1.04 -23.32
C GLN A 26 -10.32 2.06 -23.21
N THR A 27 -11.38 1.66 -22.54
CA THR A 27 -12.46 2.55 -22.13
C THR A 27 -12.49 2.59 -20.59
N VAL A 28 -12.34 3.78 -20.02
CA VAL A 28 -12.34 3.95 -18.57
C VAL A 28 -13.51 4.84 -18.20
N ASN A 29 -14.43 4.31 -17.40
CA ASN A 29 -15.54 5.08 -16.85
C ASN A 29 -15.34 5.26 -15.37
N VAL A 30 -15.61 6.45 -14.85
CA VAL A 30 -15.50 6.75 -13.45
C VAL A 30 -16.90 7.11 -12.95
N LEU A 31 -17.40 6.32 -12.00
CA LEU A 31 -18.73 6.52 -11.44
C LEU A 31 -18.62 7.14 -10.07
N VAL A 32 -19.43 8.15 -9.80
CA VAL A 32 -19.56 8.72 -8.45
C VAL A 32 -21.01 8.55 -8.02
N ASN A 33 -21.22 7.96 -6.83
CA ASN A 33 -22.59 7.71 -6.33
C ASN A 33 -23.43 6.98 -7.38
N ASN A 34 -22.80 6.02 -8.07
CA ASN A 34 -23.39 5.12 -9.05
C ASN A 34 -23.72 5.78 -10.38
N GLU A 35 -23.27 7.01 -10.64
CA GLU A 35 -23.51 7.69 -11.91
C GLU A 35 -22.19 8.03 -12.60
N THR A 36 -22.13 7.80 -13.90
CA THR A 36 -20.93 8.08 -14.67
C THR A 36 -20.60 9.56 -14.62
N ALA A 37 -19.40 9.87 -14.17
CA ALA A 37 -18.93 11.24 -14.02
C ALA A 37 -17.81 11.60 -14.99
N ALA A 38 -17.05 10.62 -15.46
CA ALA A 38 -16.03 10.88 -16.47
C ALA A 38 -15.82 9.62 -17.29
N THR A 39 -15.39 9.81 -18.53
CA THR A 39 -15.10 8.69 -19.42
C THR A 39 -13.94 9.06 -20.30
N PHE A 40 -12.98 8.14 -20.41
CA PHE A 40 -11.78 8.31 -21.22
C PHE A 40 -11.63 7.08 -22.10
N SER A 41 -11.17 7.27 -23.34
CA SER A 41 -10.92 6.13 -24.21
C SER A 41 -9.64 6.38 -25.01
N GLY A 42 -8.92 5.30 -25.29
CA GLY A 42 -7.73 5.46 -26.09
C GLY A 42 -6.86 4.23 -26.16
N GLN A 43 -6.00 4.19 -27.15
CA GLN A 43 -5.07 3.08 -27.33
C GLN A 43 -3.65 3.60 -27.27
N SER A 44 -2.83 2.98 -26.44
CA SER A 44 -1.43 3.33 -26.34
C SER A 44 -0.67 2.14 -25.78
N THR A 45 0.55 1.92 -26.27
CA THR A 45 1.48 1.01 -25.61
C THR A 45 2.59 1.78 -24.91
N ASN A 46 2.40 3.09 -24.72
CA ASN A 46 3.40 4.02 -24.21
C ASN A 46 2.92 4.79 -23.00
N ASN A 47 1.93 4.31 -22.27
CA ASN A 47 1.52 4.98 -21.03
C ASN A 47 0.91 6.36 -21.30
N ALA A 48 0.27 6.54 -22.46
CA ALA A 48 -0.41 7.79 -22.71
C ALA A 48 -1.44 8.06 -21.64
N VAL A 49 -1.61 9.35 -21.32
CA VAL A 49 -2.64 9.76 -20.39
C VAL A 49 -3.91 9.93 -21.22
N ILE A 50 -4.74 8.89 -21.22
CA ILE A 50 -5.93 8.93 -22.06
C ILE A 50 -7.00 9.82 -21.45
N GLY A 51 -6.83 10.24 -20.21
CA GLY A 51 -7.66 11.29 -19.68
C GLY A 51 -7.29 11.66 -18.25
N THR A 52 -7.51 12.92 -17.87
CA THR A 52 -7.38 13.34 -16.48
C THR A 52 -8.46 14.37 -16.20
N GLN A 53 -9.05 14.31 -14.98
CA GLN A 53 -10.21 15.11 -14.65
C GLN A 53 -10.26 15.33 -13.15
N VAL A 54 -10.84 16.46 -12.72
CA VAL A 54 -11.11 16.73 -11.33
C VAL A 54 -12.60 16.55 -11.10
N LEU A 55 -12.96 15.74 -10.10
CA LEU A 55 -14.34 15.44 -9.78
C LEU A 55 -14.57 15.71 -8.30
N ASN A 56 -15.84 15.74 -7.89
CA ASN A 56 -16.18 15.88 -6.49
C ASN A 56 -16.77 14.56 -5.99
N SER A 57 -16.35 14.11 -4.82
CA SER A 57 -16.82 12.82 -4.30
C SER A 57 -18.27 12.88 -3.86
N GLY A 58 -18.80 14.07 -3.61
CA GLY A 58 -20.21 14.22 -3.38
C GLY A 58 -20.62 13.74 -2.01
N SER A 59 -21.94 13.65 -1.83
CA SER A 59 -22.49 13.27 -0.53
C SER A 59 -22.10 11.86 -0.12
N SER A 60 -21.88 10.97 -1.09
CA SER A 60 -21.67 9.54 -0.82
C SER A 60 -20.20 9.17 -0.69
N GLY A 61 -19.31 9.88 -1.37
CA GLY A 61 -17.91 9.51 -1.39
C GLY A 61 -17.62 8.22 -2.13
N LYS A 62 -18.63 7.61 -2.73
CA LYS A 62 -18.47 6.33 -3.41
C LYS A 62 -17.95 6.53 -4.83
N VAL A 63 -16.75 6.02 -5.10
CA VAL A 63 -16.11 6.17 -6.40
C VAL A 63 -15.76 4.79 -6.95
N GLN A 64 -16.20 4.50 -8.18
CA GLN A 64 -15.97 3.22 -8.81
C GLN A 64 -15.32 3.42 -10.16
N VAL A 65 -14.35 2.57 -10.49
CA VAL A 65 -13.66 2.61 -11.77
C VAL A 65 -14.06 1.37 -12.57
N GLN A 66 -14.57 1.60 -13.78
CA GLN A 66 -14.91 0.58 -14.76
C GLN A 66 -13.90 0.64 -15.89
N VAL A 67 -13.34 -0.50 -16.28
CA VAL A 67 -12.43 -0.56 -17.41
C VAL A 67 -12.94 -1.64 -18.35
N SER A 68 -13.03 -1.33 -19.64
CA SER A 68 -13.44 -2.35 -20.58
C SER A 68 -12.71 -2.15 -21.90
N VAL A 69 -12.65 -3.23 -22.67
CA VAL A 69 -12.08 -3.21 -24.01
C VAL A 69 -13.15 -3.77 -24.94
N ASN A 70 -13.61 -2.93 -25.87
CA ASN A 70 -14.69 -3.27 -26.79
C ASN A 70 -15.87 -3.88 -26.03
N GLY A 71 -16.19 -3.28 -24.90
CA GLY A 71 -17.35 -3.69 -24.14
C GLY A 71 -17.18 -4.88 -23.23
N ARG A 72 -15.97 -5.48 -23.16
CA ARG A 72 -15.73 -6.59 -22.24
C ARG A 72 -15.00 -6.08 -21.00
N PRO A 73 -15.56 -6.25 -19.80
CA PRO A 73 -14.87 -5.79 -18.58
C PRO A 73 -13.49 -6.44 -18.43
N SER A 74 -12.53 -5.62 -18.04
CA SER A 74 -11.20 -6.11 -17.70
C SER A 74 -11.18 -6.62 -16.26
N ASP A 75 -10.15 -7.39 -15.93
CA ASP A 75 -9.89 -7.86 -14.58
C ASP A 75 -9.13 -6.77 -13.81
N LEU A 76 -9.76 -6.17 -12.80
CA LEU A 76 -9.17 -5.06 -12.06
C LEU A 76 -8.47 -5.55 -10.80
N VAL A 77 -7.36 -4.90 -10.45
CA VAL A 77 -6.75 -4.98 -9.13
C VAL A 77 -6.66 -3.57 -8.58
N SER A 78 -6.77 -3.43 -7.26
CA SER A 78 -6.81 -2.10 -6.69
C SER A 78 -6.34 -2.10 -5.25
N ALA A 79 -5.97 -0.90 -4.77
CA ALA A 79 -5.65 -0.67 -3.35
C ALA A 79 -5.65 0.83 -3.11
N GLN A 80 -5.70 1.21 -1.84
CA GLN A 80 -5.56 2.61 -1.45
C GLN A 80 -4.37 2.75 -0.51
N VAL A 81 -3.57 3.79 -0.70
CA VAL A 81 -2.44 4.06 0.19
C VAL A 81 -2.53 5.49 0.70
N ILE A 82 -2.14 5.69 1.96
CA ILE A 82 -2.15 7.00 2.60
C ILE A 82 -0.77 7.29 3.14
N LEU A 83 -0.22 8.45 2.77
CA LEU A 83 1.09 8.92 3.19
C LEU A 83 0.95 10.07 4.19
N THR A 84 1.80 10.06 5.22
CA THR A 84 1.79 10.98 6.38
C THR A 84 0.36 11.30 6.84
N ASN A 85 -0.50 10.28 6.84
CA ASN A 85 -1.85 10.34 7.41
C ASN A 85 -2.72 11.38 6.73
N GLU A 86 -2.40 11.77 5.49
CA GLU A 86 -3.19 12.83 4.88
C GLU A 86 -3.27 12.78 3.36
N LEU A 87 -2.23 12.28 2.68
CA LEU A 87 -2.17 12.26 1.22
C LEU A 87 -2.64 10.89 0.71
N ASN A 88 -3.70 10.88 -0.09
CA ASN A 88 -4.35 9.63 -0.48
C ASN A 88 -4.19 9.33 -1.97
N PHE A 89 -3.92 8.05 -2.26
CA PHE A 89 -3.91 7.52 -3.62
C PHE A 89 -4.80 6.30 -3.66
N ALA A 90 -5.75 6.26 -4.59
CA ALA A 90 -6.47 5.04 -4.91
C ALA A 90 -5.99 4.56 -6.26
N LEU A 91 -5.56 3.31 -6.32
CA LEU A 91 -4.77 2.81 -7.44
C LEU A 91 -5.52 1.66 -8.09
N VAL A 92 -5.57 1.64 -9.43
CA VAL A 92 -6.26 0.59 -10.18
C VAL A 92 -5.34 0.12 -11.29
N GLY A 93 -5.18 -1.20 -11.41
CA GLY A 93 -4.65 -1.80 -12.61
C GLY A 93 -5.69 -2.73 -13.21
N SER A 94 -5.41 -3.16 -14.45
CA SER A 94 -6.40 -3.93 -15.17
C SER A 94 -5.73 -4.77 -16.26
N GLU A 95 -6.31 -5.94 -16.49
CA GLU A 95 -5.79 -6.91 -17.46
C GLU A 95 -6.89 -7.23 -18.44
N ASP A 96 -6.60 -7.03 -19.74
CA ASP A 96 -7.56 -7.27 -20.82
C ASP A 96 -7.26 -8.53 -21.62
N GLY A 97 -6.21 -9.27 -21.28
CA GLY A 97 -5.74 -10.37 -22.11
C GLY A 97 -5.14 -11.49 -21.28
N THR A 98 -4.03 -12.05 -21.78
CA THR A 98 -3.45 -13.29 -21.29
C THR A 98 -2.09 -13.13 -20.64
N ASP A 99 -1.40 -12.01 -20.83
CA ASP A 99 -0.03 -11.89 -20.36
C ASP A 99 0.08 -11.46 -18.90
N ASN A 100 -1.01 -10.97 -18.31
CA ASN A 100 -1.08 -10.64 -16.88
C ASN A 100 -0.05 -9.58 -16.46
N ASP A 101 0.14 -8.56 -17.28
CA ASP A 101 0.93 -7.43 -16.80
C ASP A 101 0.08 -6.43 -16.01
N TYR A 102 -1.23 -6.55 -16.07
CA TYR A 102 -2.18 -5.73 -15.31
C TYR A 102 -1.93 -4.22 -15.45
N ASN A 103 -1.35 -3.81 -16.57
CA ASN A 103 -1.14 -2.39 -16.82
C ASN A 103 -1.98 -1.86 -17.99
N ASP A 104 -2.95 -2.64 -18.48
CA ASP A 104 -3.51 -2.32 -19.80
C ASP A 104 -4.31 -1.02 -19.76
N ALA A 105 -5.04 -0.80 -18.68
CA ALA A 105 -5.42 0.53 -18.21
C ALA A 105 -5.02 0.66 -16.75
N VAL A 106 -4.34 1.75 -16.44
CA VAL A 106 -3.92 2.06 -15.08
C VAL A 106 -4.64 3.34 -14.69
N VAL A 107 -5.26 3.35 -13.52
CA VAL A 107 -6.01 4.53 -13.08
C VAL A 107 -5.53 4.94 -11.69
N VAL A 108 -5.25 6.24 -11.53
CA VAL A 108 -4.79 6.76 -10.25
C VAL A 108 -5.75 7.88 -9.84
N ILE A 109 -6.27 7.77 -8.62
CA ILE A 109 -7.13 8.76 -8.00
C ILE A 109 -6.33 9.38 -6.85
N ASN A 110 -6.32 10.72 -6.77
CA ASN A 110 -5.54 11.36 -5.70
C ASN A 110 -6.34 12.47 -5.06
N TRP A 111 -6.17 12.62 -3.75
CA TRP A 111 -6.79 13.69 -2.96
C TRP A 111 -5.98 13.85 -1.69
N PRO A 112 -6.10 15.00 -1.02
CA PRO A 112 -6.89 16.18 -1.36
C PRO A 112 -6.22 16.97 -2.48
N LEU A 113 -6.98 17.87 -3.12
CA LEU A 113 -6.45 18.81 -4.11
C LEU A 113 -6.34 20.22 -3.52
N GLY A 114 -5.80 21.13 -4.33
CA GLY A 114 -5.77 22.55 -3.97
C GLY A 114 -4.61 22.98 -3.12
N ALA B 1 -7.25 -11.80 -10.71
CA ALA B 1 -5.80 -11.76 -10.54
C ALA B 1 -5.38 -12.68 -9.42
N THR B 2 -4.21 -13.28 -9.58
CA THR B 2 -3.58 -14.02 -8.49
C THR B 2 -3.34 -13.10 -7.30
N GLN B 3 -3.60 -13.63 -6.10
CA GLN B 3 -3.34 -12.92 -4.86
C GLN B 3 -2.58 -13.85 -3.92
N GLY B 4 -1.89 -13.24 -2.95
CA GLY B 4 -1.15 -14.00 -1.97
C GLY B 4 0.15 -14.57 -2.45
N VAL B 5 0.61 -14.22 -3.65
CA VAL B 5 1.90 -14.67 -4.17
C VAL B 5 2.84 -13.48 -4.25
N PHE B 6 4.05 -13.64 -3.71
CA PHE B 6 5.02 -12.56 -3.65
C PHE B 6 6.38 -13.04 -4.11
N THR B 7 7.06 -12.24 -4.94
CA THR B 7 8.44 -12.53 -5.28
C THR B 7 9.35 -11.81 -4.30
N LEU B 8 9.97 -12.58 -3.41
CA LEU B 8 10.97 -12.04 -2.49
C LEU B 8 12.36 -12.15 -3.10
N PRO B 9 13.33 -11.40 -2.59
CA PRO B 9 14.72 -11.67 -2.99
C PRO B 9 15.07 -13.13 -2.73
N ALA B 10 15.78 -13.73 -3.68
CA ALA B 10 16.14 -15.14 -3.59
C ALA B 10 16.97 -15.44 -2.35
N ASN B 11 16.70 -16.61 -1.73
CA ASN B 11 17.55 -17.14 -0.65
C ASN B 11 17.66 -16.15 0.51
N THR B 12 16.53 -15.60 0.93
CA THR B 12 16.50 -14.52 1.90
C THR B 12 15.52 -14.86 3.02
N ARG B 13 15.92 -14.57 4.26
CA ARG B 13 15.03 -14.79 5.39
C ARG B 13 13.92 -13.75 5.41
N PHE B 14 12.72 -14.18 5.80
CA PHE B 14 11.58 -13.31 5.97
C PHE B 14 10.75 -13.82 7.14
N GLY B 15 9.98 -12.92 7.73
CA GLY B 15 9.05 -13.27 8.79
C GLY B 15 7.65 -13.43 8.21
N VAL B 16 6.90 -14.39 8.76
CA VAL B 16 5.50 -14.56 8.42
C VAL B 16 4.72 -14.75 9.72
N THR B 17 3.63 -13.99 9.86
CA THR B 17 2.81 -14.00 11.07
C THR B 17 1.35 -13.98 10.66
N ALA B 18 0.51 -14.80 11.31
CA ALA B 18 -0.91 -14.86 10.98
C ALA B 18 -1.77 -14.58 12.21
N PHE B 19 -2.87 -13.87 12.00
CA PHE B 19 -3.87 -13.50 13.00
C PHE B 19 -5.21 -14.05 12.56
N ALA B 20 -6.09 -14.37 13.51
CA ALA B 20 -7.40 -14.92 13.20
C ALA B 20 -8.53 -14.04 13.72
N ASN B 21 -9.59 -13.89 12.91
CA ASN B 21 -10.76 -13.09 13.27
C ASN B 21 -12.01 -13.74 12.67
N SER B 22 -12.40 -14.90 13.23
CA SER B 22 -13.49 -15.64 12.63
C SER B 22 -13.93 -16.73 13.60
N SER B 23 -15.18 -17.15 13.47
CA SER B 23 -15.59 -18.32 14.25
C SER B 23 -15.07 -19.62 13.66
N GLY B 24 -14.64 -19.60 12.40
CA GLY B 24 -14.08 -20.78 11.79
C GLY B 24 -12.60 -20.93 12.08
N THR B 25 -12.16 -22.18 12.18
CA THR B 25 -10.76 -22.49 12.43
C THR B 25 -9.96 -22.21 11.16
N GLN B 26 -8.97 -21.31 11.27
CA GLN B 26 -8.18 -20.91 10.11
C GLN B 26 -6.96 -21.83 9.96
N THR B 27 -6.70 -22.24 8.72
CA THR B 27 -5.45 -22.93 8.40
C THR B 27 -4.68 -22.08 7.39
N VAL B 28 -3.48 -21.67 7.75
CA VAL B 28 -2.62 -20.85 6.89
C VAL B 28 -1.41 -21.67 6.47
N ASN B 29 -1.25 -21.87 5.15
CA ASN B 29 -0.10 -22.56 4.59
C ASN B 29 0.78 -21.56 3.87
N VAL B 30 2.09 -21.60 4.16
CA VAL B 30 3.07 -20.77 3.49
C VAL B 30 3.95 -21.66 2.63
N LEU B 31 3.93 -21.42 1.33
CA LEU B 31 4.67 -22.21 0.36
C LEU B 31 5.92 -21.47 -0.07
N VAL B 32 7.04 -22.18 -0.09
CA VAL B 32 8.29 -21.68 -0.66
C VAL B 32 8.71 -22.69 -1.72
N ASN B 33 9.10 -22.19 -2.90
CA ASN B 33 9.40 -23.04 -4.05
C ASN B 33 8.29 -24.07 -4.30
N ASN B 34 7.06 -23.63 -4.10
CA ASN B 34 5.83 -24.40 -4.32
C ASN B 34 5.66 -25.54 -3.34
N GLU B 35 6.45 -25.62 -2.27
CA GLU B 35 6.26 -26.63 -1.24
C GLU B 35 5.92 -25.98 0.10
N THR B 36 5.05 -26.63 0.88
CA THR B 36 4.63 -26.07 2.16
C THR B 36 5.79 -26.01 3.14
N ALA B 37 6.16 -24.80 3.56
CA ALA B 37 7.25 -24.57 4.49
C ALA B 37 6.79 -24.27 5.91
N ALA B 38 5.57 -23.79 6.08
CA ALA B 38 5.01 -23.58 7.41
C ALA B 38 3.50 -23.71 7.31
N THR B 39 2.90 -24.18 8.40
CA THR B 39 1.46 -24.29 8.52
C THR B 39 1.07 -23.80 9.91
N PHE B 40 0.11 -22.87 9.94
CA PHE B 40 -0.46 -22.31 11.16
C PHE B 40 -1.94 -22.65 11.18
N SER B 41 -2.46 -23.01 12.36
CA SER B 41 -3.87 -23.30 12.52
C SER B 41 -4.34 -22.72 13.85
N GLY B 42 -5.51 -22.12 13.85
CA GLY B 42 -6.06 -21.61 15.11
C GLY B 42 -7.42 -20.97 14.90
N GLN B 43 -8.04 -20.60 16.01
CA GLN B 43 -9.35 -19.97 15.97
C GLN B 43 -9.38 -18.81 16.95
N SER B 44 -9.78 -17.64 16.46
CA SER B 44 -9.92 -16.47 17.32
C SER B 44 -10.87 -15.50 16.64
N THR B 45 -11.72 -14.85 17.44
CA THR B 45 -12.41 -13.67 16.99
C THR B 45 -11.82 -12.40 17.58
N ASN B 46 -10.60 -12.47 18.15
CA ASN B 46 -9.97 -11.29 18.74
C ASN B 46 -8.53 -11.11 18.25
N ASN B 47 -8.26 -11.43 16.99
CA ASN B 47 -6.97 -11.11 16.35
C ASN B 47 -5.80 -11.85 17.01
N ALA B 48 -6.05 -13.02 17.61
CA ALA B 48 -4.95 -13.78 18.21
C ALA B 48 -3.91 -14.19 17.18
N VAL B 49 -2.64 -14.15 17.58
CA VAL B 49 -1.58 -14.70 16.74
C VAL B 49 -1.72 -16.21 16.70
N ILE B 50 -1.99 -16.76 15.51
CA ILE B 50 -2.10 -18.20 15.40
C ILE B 50 -0.82 -18.82 14.91
N GLY B 51 0.17 -18.01 14.53
CA GLY B 51 1.46 -18.56 14.17
C GLY B 51 2.43 -17.46 13.82
N THR B 52 3.72 -17.67 14.10
CA THR B 52 4.77 -16.79 13.60
C THR B 52 6.03 -17.63 13.43
N GLN B 53 6.78 -17.33 12.38
CA GLN B 53 7.92 -18.14 11.99
C GLN B 53 8.82 -17.31 11.09
N VAL B 54 10.12 -17.65 11.07
CA VAL B 54 11.05 -17.12 10.08
C VAL B 54 11.37 -18.24 9.10
N LEU B 55 11.27 -17.93 7.79
CA LEU B 55 11.55 -18.87 6.72
C LEU B 55 12.54 -18.27 5.74
N ASN B 56 13.09 -19.13 4.88
CA ASN B 56 13.93 -18.69 3.77
C ASN B 56 13.12 -18.75 2.47
N SER B 57 13.31 -17.76 1.60
CA SER B 57 12.50 -17.63 0.39
C SER B 57 12.87 -18.62 -0.70
N GLY B 58 13.93 -19.39 -0.52
CA GLY B 58 14.25 -20.44 -1.46
C GLY B 58 15.00 -19.94 -2.68
N SER B 59 15.20 -20.86 -3.62
CA SER B 59 16.00 -20.55 -4.80
C SER B 59 15.30 -19.53 -5.69
N SER B 60 13.99 -19.63 -5.83
CA SER B 60 13.23 -18.76 -6.72
C SER B 60 12.72 -17.50 -6.06
N GLY B 61 12.74 -17.43 -4.72
CA GLY B 61 12.15 -16.32 -4.00
C GLY B 61 10.63 -16.28 -3.99
N LYS B 62 9.96 -17.25 -4.61
CA LYS B 62 8.51 -17.26 -4.68
C LYS B 62 7.90 -17.74 -3.36
N VAL B 63 7.04 -16.90 -2.79
CA VAL B 63 6.35 -17.20 -1.53
C VAL B 63 4.85 -17.07 -1.79
N GLN B 64 4.11 -18.10 -1.39
CA GLN B 64 2.67 -18.13 -1.58
C GLN B 64 1.97 -18.40 -0.27
N VAL B 65 0.95 -17.60 0.02
CA VAL B 65 0.12 -17.76 1.20
C VAL B 65 -1.23 -18.31 0.76
N GLN B 66 -1.65 -19.41 1.38
CA GLN B 66 -2.94 -20.03 1.13
C GLN B 66 -3.69 -20.15 2.44
N VAL B 67 -4.95 -19.74 2.44
CA VAL B 67 -5.76 -19.79 3.65
C VAL B 67 -6.97 -20.64 3.37
N SER B 68 -7.31 -21.52 4.31
CA SER B 68 -8.49 -22.36 4.14
C SER B 68 -9.18 -22.58 5.48
N VAL B 69 -10.47 -22.88 5.39
CA VAL B 69 -11.28 -23.23 6.56
C VAL B 69 -11.93 -24.55 6.21
N ASN B 70 -11.67 -25.57 7.03
CA ASN B 70 -12.12 -26.94 6.79
C ASN B 70 -11.89 -27.35 5.33
N GLY B 71 -10.66 -27.10 4.88
CA GLY B 71 -10.21 -27.53 3.56
C GLY B 71 -10.63 -26.67 2.39
N ARG B 72 -11.47 -25.65 2.59
CA ARG B 72 -11.94 -24.84 1.47
C ARG B 72 -11.14 -23.54 1.41
N PRO B 73 -10.45 -23.25 0.31
CA PRO B 73 -9.73 -21.97 0.19
C PRO B 73 -10.63 -20.76 0.45
N SER B 74 -10.16 -19.86 1.32
CA SER B 74 -10.79 -18.56 1.45
C SER B 74 -10.37 -17.65 0.28
N ASP B 75 -11.18 -16.62 0.04
CA ASP B 75 -10.88 -15.62 -0.99
C ASP B 75 -9.82 -14.66 -0.44
N LEU B 76 -8.80 -14.37 -1.23
CA LEU B 76 -7.65 -13.62 -0.75
C LEU B 76 -7.61 -12.23 -1.37
N VAL B 77 -7.15 -11.25 -0.57
CA VAL B 77 -6.71 -9.95 -1.06
C VAL B 77 -5.28 -9.73 -0.57
N SER B 78 -4.48 -9.03 -1.38
CA SER B 78 -3.08 -8.89 -1.01
C SER B 78 -2.46 -7.70 -1.71
N ALA B 79 -1.33 -7.26 -1.15
CA ALA B 79 -0.52 -6.22 -1.76
C ALA B 79 0.83 -6.24 -1.07
N GLN B 80 1.82 -5.64 -1.73
CA GLN B 80 3.13 -5.40 -1.15
C GLN B 80 3.37 -3.90 -1.02
N VAL B 81 3.94 -3.46 0.11
CA VAL B 81 4.28 -2.06 0.31
C VAL B 81 5.76 -1.96 0.66
N ILE B 82 6.43 -0.93 0.13
CA ILE B 82 7.86 -0.69 0.38
C ILE B 82 8.01 0.70 0.95
N LEU B 83 8.63 0.80 2.12
CA LEU B 83 8.91 2.07 2.77
C LEU B 83 10.39 2.38 2.71
N THR B 84 10.69 3.66 2.45
CA THR B 84 12.03 4.23 2.23
C THR B 84 12.90 3.29 1.39
N ASN B 85 12.30 2.68 0.37
CA ASN B 85 13.01 1.92 -0.65
C ASN B 85 13.79 0.76 -0.04
N GLU B 86 13.34 0.24 1.12
CA GLU B 86 14.12 -0.77 1.83
C GLU B 86 13.26 -1.76 2.62
N LEU B 87 12.26 -1.27 3.35
CA LEU B 87 11.47 -2.09 4.25
C LEU B 87 10.23 -2.61 3.55
N ASN B 88 10.08 -3.95 3.51
CA ASN B 88 9.04 -4.58 2.69
C ASN B 88 7.97 -5.22 3.56
N PHE B 89 6.70 -4.99 3.22
CA PHE B 89 5.57 -5.70 3.79
C PHE B 89 4.80 -6.39 2.66
N ALA B 90 4.54 -7.69 2.80
CA ALA B 90 3.60 -8.38 1.94
C ALA B 90 2.39 -8.73 2.79
N LEU B 91 1.21 -8.28 2.38
CA LEU B 91 0.03 -8.26 3.24
C LEU B 91 -1.06 -9.11 2.60
N VAL B 92 -1.72 -9.93 3.41
CA VAL B 92 -2.80 -10.80 2.93
C VAL B 92 -3.98 -10.69 3.87
N GLY B 93 -5.16 -10.48 3.31
CA GLY B 93 -6.40 -10.71 4.01
C GLY B 93 -7.19 -11.84 3.37
N SER B 94 -8.17 -12.39 4.08
CA SER B 94 -8.90 -13.53 3.56
C SER B 94 -10.34 -13.48 4.07
N GLU B 95 -11.25 -14.02 3.27
CA GLU B 95 -12.68 -14.04 3.56
C GLU B 95 -13.16 -15.47 3.46
N ASP B 96 -13.66 -16.00 4.57
CA ASP B 96 -14.09 -17.38 4.61
C ASP B 96 -15.59 -17.54 4.53
N GLY B 97 -16.32 -16.43 4.41
CA GLY B 97 -17.78 -16.43 4.38
C GLY B 97 -18.39 -15.39 3.47
N THR B 98 -19.39 -14.66 3.96
CA THR B 98 -20.13 -13.73 3.13
C THR B 98 -20.19 -12.30 3.66
N ASP B 99 -19.61 -12.01 4.83
CA ASP B 99 -19.69 -10.64 5.33
C ASP B 99 -18.61 -9.74 4.75
N ASN B 100 -17.58 -10.30 4.11
CA ASN B 100 -16.57 -9.54 3.37
C ASN B 100 -15.83 -8.54 4.25
N ASP B 101 -15.50 -8.96 5.46
CA ASP B 101 -14.58 -8.14 6.24
C ASP B 101 -13.12 -8.48 5.94
N TYR B 102 -12.88 -9.63 5.30
CA TYR B 102 -11.54 -10.00 4.79
C TYR B 102 -10.48 -10.01 5.90
N ASN B 103 -10.89 -10.18 7.15
CA ASN B 103 -9.93 -10.28 8.25
C ASN B 103 -9.89 -11.68 8.84
N ASP B 104 -10.54 -12.65 8.19
CA ASP B 104 -10.80 -13.92 8.88
C ASP B 104 -9.49 -14.64 9.21
N ALA B 105 -8.53 -14.61 8.29
CA ALA B 105 -7.11 -14.73 8.58
C ALA B 105 -6.38 -13.58 7.91
N VAL B 106 -5.53 -12.93 8.66
CA VAL B 106 -4.66 -11.85 8.21
C VAL B 106 -3.25 -12.34 8.33
N VAL B 107 -2.48 -12.23 7.24
CA VAL B 107 -1.11 -12.70 7.20
C VAL B 107 -0.20 -11.54 6.82
N VAL B 108 0.87 -11.34 7.60
CA VAL B 108 1.86 -10.29 7.42
C VAL B 108 3.20 -10.97 7.17
N ILE B 109 3.81 -10.68 6.03
CA ILE B 109 5.17 -11.10 5.70
C ILE B 109 6.03 -9.85 5.67
N ASN B 110 7.21 -9.91 6.29
CA ASN B 110 8.06 -8.74 6.32
C ASN B 110 9.52 -9.12 6.10
N TRP B 111 10.25 -8.24 5.42
CA TRP B 111 11.67 -8.42 5.21
C TRP B 111 12.28 -7.05 4.88
N PRO B 112 13.61 -6.89 5.01
CA PRO B 112 14.57 -7.88 5.50
C PRO B 112 14.49 -8.01 7.00
N LEU B 113 15.09 -9.08 7.49
CA LEU B 113 15.21 -9.29 8.92
C LEU B 113 16.65 -8.97 9.34
N GLY B 114 16.89 -9.09 10.64
CA GLY B 114 18.23 -8.93 11.17
C GLY B 114 18.63 -7.53 11.59
N ALA C 1 8.26 14.98 7.18
CA ALA C 1 6.85 14.85 7.54
C ALA C 1 6.65 13.94 8.77
N THR C 2 5.55 14.19 9.47
CA THR C 2 5.20 13.34 10.62
C THR C 2 5.01 11.89 10.16
N GLN C 3 5.55 10.96 10.94
CA GLN C 3 5.41 9.54 10.69
C GLN C 3 4.90 8.85 11.95
N GLY C 4 4.24 7.70 11.76
CA GLY C 4 3.81 6.91 12.89
C GLY C 4 2.51 7.36 13.52
N VAL C 5 1.78 8.29 12.88
CA VAL C 5 0.52 8.82 13.38
C VAL C 5 -0.57 8.43 12.38
N PHE C 6 -1.64 7.83 12.86
CA PHE C 6 -2.73 7.34 12.02
C PHE C 6 -4.07 7.76 12.62
N THR C 7 -4.99 8.16 11.77
CA THR C 7 -6.37 8.41 12.16
C THR C 7 -7.20 7.18 11.82
N LEU C 8 -7.62 6.45 12.84
CA LEU C 8 -8.50 5.32 12.64
C LEU C 8 -9.95 5.78 12.73
N PRO C 9 -10.89 4.98 12.25
CA PRO C 9 -12.28 5.27 12.57
C PRO C 9 -12.47 5.26 14.08
N ALA C 10 -13.36 6.14 14.56
CA ALA C 10 -13.56 6.30 16.00
C ALA C 10 -14.08 5.01 16.64
N ASN C 11 -13.64 4.81 17.87
CA ASN C 11 -14.01 3.69 18.73
C ASN C 11 -14.12 2.37 17.98
N THR C 12 -13.02 2.03 17.34
CA THR C 12 -12.89 0.78 16.59
C THR C 12 -11.79 -0.06 17.21
N ARG C 13 -12.05 -1.36 17.36
CA ARG C 13 -11.00 -2.26 17.85
C ARG C 13 -9.95 -2.45 16.76
N PHE C 14 -8.69 -2.46 17.17
CA PHE C 14 -7.60 -2.72 16.26
C PHE C 14 -6.52 -3.53 16.96
N GLY C 15 -5.75 -4.26 16.18
CA GLY C 15 -4.60 -4.98 16.69
C GLY C 15 -3.35 -4.17 16.44
N VAL C 16 -2.41 -4.28 17.37
CA VAL C 16 -1.07 -3.73 17.18
C VAL C 16 -0.07 -4.80 17.60
N THR C 17 0.96 -4.98 16.79
CA THR C 17 1.93 -6.05 16.91
C THR C 17 3.31 -5.50 16.56
N ALA C 18 4.31 -5.79 17.39
CA ALA C 18 5.66 -5.29 17.16
C ALA C 18 6.66 -6.43 17.04
N PHE C 19 7.57 -6.28 16.06
CA PHE C 19 8.65 -7.19 15.72
C PHE C 19 9.99 -6.50 15.96
N ALA C 20 11.00 -7.25 16.43
CA ALA C 20 12.32 -6.69 16.67
C ALA C 20 13.36 -7.30 15.73
N ASN C 21 14.23 -6.45 15.17
CA ASN C 21 15.35 -6.91 14.34
C ASN C 21 16.57 -6.03 14.57
N SER C 22 17.19 -6.17 15.74
CA SER C 22 18.31 -5.30 16.09
C SER C 22 19.07 -5.90 17.26
N SER C 23 20.37 -5.57 17.35
CA SER C 23 21.12 -5.89 18.56
C SER C 23 20.69 -5.03 19.74
N GLY C 24 19.98 -3.93 19.49
CA GLY C 24 19.54 -3.05 20.57
C GLY C 24 18.15 -3.44 21.05
N THR C 25 17.95 -3.30 22.36
CA THR C 25 16.63 -3.55 22.93
C THR C 25 15.67 -2.46 22.48
N GLN C 26 14.58 -2.87 21.83
CA GLN C 26 13.57 -1.93 21.35
C GLN C 26 12.54 -1.67 22.42
N THR C 27 12.05 -0.42 22.47
CA THR C 27 10.87 -0.08 23.25
C THR C 27 9.85 0.59 22.33
N VAL C 28 8.66 0.00 22.25
CA VAL C 28 7.59 0.49 21.38
C VAL C 28 6.47 0.99 22.25
N ASN C 29 6.10 2.25 22.09
CA ASN C 29 4.96 2.80 22.80
C ASN C 29 3.84 3.08 21.81
N VAL C 30 2.62 2.73 22.21
CA VAL C 30 1.43 2.97 21.40
C VAL C 30 0.52 3.90 22.19
N LEU C 31 0.27 5.06 21.64
CA LEU C 31 -0.53 6.11 22.24
C LEU C 31 -1.87 6.17 21.53
N VAL C 32 -2.94 6.27 22.29
CA VAL C 32 -4.28 6.45 21.75
C VAL C 32 -4.85 7.70 22.37
N ASN C 33 -5.15 8.69 21.52
CA ASN C 33 -5.60 10.01 21.98
C ASN C 33 -4.57 10.61 22.93
N ASN C 34 -3.29 10.47 22.57
CA ASN C 34 -2.15 11.00 23.29
C ASN C 34 -1.96 10.40 24.68
N GLU C 35 -2.62 9.27 24.97
CA GLU C 35 -2.41 8.53 26.21
C GLU C 35 -1.73 7.20 25.90
N THR C 36 -0.83 6.76 26.78
CA THR C 36 -0.12 5.50 26.55
C THR C 36 -1.06 4.32 26.78
N ALA C 37 -1.31 3.57 25.71
CA ALA C 37 -2.18 2.41 25.74
C ALA C 37 -1.42 1.09 25.76
N ALA C 38 -0.22 1.04 25.19
CA ALA C 38 0.56 -0.18 25.21
C ALA C 38 2.04 0.16 25.16
N THR C 39 2.85 -0.70 25.79
CA THR C 39 4.31 -0.63 25.70
C THR C 39 4.85 -2.03 25.51
N PHE C 40 5.67 -2.22 24.47
CA PHE C 40 6.30 -3.50 24.18
C PHE C 40 7.82 -3.31 24.20
N SER C 41 8.55 -4.34 24.64
CA SER C 41 10.00 -4.25 24.63
C SER C 41 10.61 -5.63 24.41
N GLY C 42 11.77 -5.64 23.76
CA GLY C 42 12.48 -6.89 23.53
C GLY C 42 13.70 -6.66 22.67
N GLN C 43 14.46 -7.75 22.51
CA GLN C 43 15.69 -7.70 21.73
C GLN C 43 15.82 -9.00 20.93
N SER C 44 15.87 -8.87 19.60
CA SER C 44 15.97 -10.00 18.71
C SER C 44 16.49 -9.52 17.37
N THR C 45 17.33 -10.33 16.72
CA THR C 45 17.69 -10.11 15.34
C THR C 45 17.00 -11.10 14.41
N ASN C 46 15.85 -11.66 14.84
CA ASN C 46 15.16 -12.71 14.11
C ASN C 46 13.65 -12.52 14.21
N ASN C 47 13.19 -11.26 14.25
CA ASN C 47 11.78 -10.89 14.08
C ASN C 47 10.90 -11.32 15.25
N ALA C 48 11.41 -11.40 16.47
CA ALA C 48 10.54 -11.83 17.56
C ALA C 48 9.37 -10.88 17.73
N VAL C 49 8.22 -11.46 18.07
CA VAL C 49 6.98 -10.70 18.28
C VAL C 49 6.99 -10.24 19.73
N ILE C 50 7.63 -9.10 19.97
CA ILE C 50 7.85 -8.63 21.34
C ILE C 50 6.56 -8.16 22.01
N GLY C 51 5.50 -7.97 21.24
CA GLY C 51 4.22 -7.68 21.81
C GLY C 51 3.11 -7.73 20.77
N THR C 52 1.92 -8.09 21.22
CA THR C 52 0.74 -7.96 20.39
C THR C 52 -0.43 -7.70 21.34
N GLN C 53 -1.37 -6.87 20.91
CA GLN C 53 -2.42 -6.41 21.80
C GLN C 53 -3.60 -5.92 20.97
N VAL C 54 -4.80 -6.06 21.52
CA VAL C 54 -6.01 -5.46 20.96
C VAL C 54 -6.32 -4.18 21.73
N LEU C 55 -6.42 -3.08 20.99
CA LEU C 55 -6.73 -1.77 21.56
C LEU C 55 -7.99 -1.23 20.91
N ASN C 56 -8.46 -0.10 21.43
CA ASN C 56 -9.61 0.60 20.86
C ASN C 56 -9.18 2.01 20.51
N SER C 57 -9.55 2.47 19.30
CA SER C 57 -9.11 3.79 18.83
C SER C 57 -9.75 4.96 19.59
N GLY C 58 -10.77 4.71 20.38
CA GLY C 58 -11.30 5.77 21.23
C GLY C 58 -12.09 6.83 20.45
N SER C 59 -12.45 7.89 21.19
CA SER C 59 -13.33 8.91 20.62
C SER C 59 -12.68 9.67 19.47
N SER C 60 -11.35 9.83 19.51
CA SER C 60 -10.64 10.62 18.52
C SER C 60 -10.11 9.80 17.36
N GLY C 61 -9.91 8.50 17.57
CA GLY C 61 -9.30 7.65 16.56
C GLY C 61 -7.83 7.87 16.35
N LYS C 62 -7.19 8.78 17.09
CA LYS C 62 -5.79 9.08 16.88
C LYS C 62 -4.93 8.00 17.53
N VAL C 63 -4.07 7.37 16.73
CA VAL C 63 -3.15 6.36 17.21
C VAL C 63 -1.74 6.77 16.79
N GLN C 64 -0.80 6.80 17.73
CA GLN C 64 0.57 7.13 17.42
C GLN C 64 1.51 6.05 17.96
N VAL C 65 2.50 5.68 17.16
CA VAL C 65 3.52 4.71 17.51
C VAL C 65 4.85 5.44 17.68
N GLN C 66 5.54 5.18 18.80
CA GLN C 66 6.87 5.73 19.01
C GLN C 66 7.83 4.60 19.33
N VAL C 67 9.07 4.70 18.85
CA VAL C 67 10.08 3.66 19.04
C VAL C 67 11.36 4.30 19.58
N SER C 68 11.95 3.67 20.59
CA SER C 68 13.20 4.16 21.16
C SER C 68 14.06 2.99 21.59
N VAL C 69 15.35 3.26 21.78
CA VAL C 69 16.33 2.24 22.16
C VAL C 69 17.13 2.83 23.30
N ASN C 70 16.93 2.32 24.53
CA ASN C 70 17.59 2.85 25.72
C ASN C 70 17.42 4.36 25.83
N GLY C 71 16.20 4.83 25.55
CA GLY C 71 15.85 6.24 25.66
C GLY C 71 16.02 7.05 24.40
N ARG C 72 16.70 6.54 23.39
CA ARG C 72 17.02 7.28 22.18
C ARG C 72 15.92 7.04 21.14
N PRO C 73 15.17 8.06 20.72
CA PRO C 73 14.14 7.83 19.70
C PRO C 73 14.74 7.39 18.37
N SER C 74 14.07 6.42 17.75
CA SER C 74 14.41 5.93 16.44
C SER C 74 13.71 6.75 15.36
N ASP C 75 14.34 6.86 14.20
CA ASP C 75 13.70 7.52 13.08
C ASP C 75 12.61 6.62 12.49
N LEU C 76 11.44 7.18 12.23
CA LEU C 76 10.28 6.39 11.80
C LEU C 76 9.96 6.58 10.32
N VAL C 77 9.39 5.52 9.73
CA VAL C 77 8.73 5.56 8.41
C VAL C 77 7.39 4.86 8.57
N SER C 78 6.37 5.34 7.83
CA SER C 78 5.05 4.75 8.00
C SER C 78 4.20 4.96 6.76
N ALA C 79 3.10 4.21 6.69
CA ALA C 79 2.08 4.37 5.67
C ALA C 79 0.89 3.52 6.09
N GLN C 80 -0.26 3.82 5.50
CA GLN C 80 -1.48 3.03 5.66
C GLN C 80 -1.92 2.53 4.29
N VAL C 81 -2.36 1.27 4.24
CA VAL C 81 -2.83 0.65 3.00
C VAL C 81 -4.18 0.00 3.28
N ILE C 82 -5.10 0.11 2.32
CA ILE C 82 -6.45 -0.42 2.43
C ILE C 82 -6.70 -1.36 1.25
N LEU C 83 -7.11 -2.59 1.56
CA LEU C 83 -7.42 -3.60 0.55
C LEU C 83 -8.92 -3.84 0.46
N THR C 84 -9.40 -4.02 -0.78
CA THR C 84 -10.81 -4.15 -1.16
C THR C 84 -11.69 -3.16 -0.38
N ASN C 85 -11.17 -1.95 -0.22
CA ASN C 85 -11.91 -0.83 0.35
C ASN C 85 -12.43 -1.13 1.75
N GLU C 86 -11.76 -2.03 2.49
CA GLU C 86 -12.30 -2.41 3.80
C GLU C 86 -11.24 -2.85 4.81
N LEU C 87 -10.21 -3.57 4.37
CA LEU C 87 -9.20 -4.13 5.27
C LEU C 87 -8.02 -3.18 5.37
N ASN C 88 -7.73 -2.70 6.58
CA ASN C 88 -6.74 -1.67 6.81
C ASN C 88 -5.49 -2.19 7.51
N PHE C 89 -4.33 -1.71 7.05
CA PHE C 89 -3.04 -1.92 7.69
C PHE C 89 -2.38 -0.56 7.87
N ALA C 90 -1.89 -0.27 9.07
CA ALA C 90 -1.04 0.88 9.31
C ALA C 90 0.33 0.32 9.69
N LEU C 91 1.36 0.77 8.98
CA LEU C 91 2.66 0.14 8.97
C LEU C 91 3.70 1.10 9.50
N VAL C 92 4.63 0.61 10.32
CA VAL C 92 5.71 1.46 10.86
C VAL C 92 7.03 0.70 10.78
N GLY C 93 8.06 1.36 10.25
CA GLY C 93 9.42 0.90 10.38
C GLY C 93 10.23 1.89 11.21
N SER C 94 11.38 1.43 11.69
CA SER C 94 12.21 2.34 12.50
C SER C 94 13.67 1.97 12.37
N GLU C 95 14.53 3.00 12.48
CA GLU C 95 15.98 2.85 12.38
C GLU C 95 16.62 3.36 13.66
N ASP C 96 17.40 2.51 14.34
CA ASP C 96 18.06 2.90 15.56
C ASP C 96 19.55 3.17 15.39
N GLY C 97 20.09 2.99 14.18
CA GLY C 97 21.52 3.08 13.91
C GLY C 97 21.88 3.68 12.56
N THR C 98 22.81 3.05 11.84
CA THR C 98 23.41 3.64 10.66
C THR C 98 23.23 2.83 9.38
N ASP C 99 22.75 1.58 9.45
CA ASP C 99 22.65 0.77 8.23
C ASP C 99 21.37 1.05 7.44
N ASN C 100 20.41 1.76 8.03
CA ASN C 100 19.16 2.13 7.36
C ASN C 100 18.42 0.92 6.81
N ASP C 101 18.34 -0.16 7.60
CA ASP C 101 17.43 -1.23 7.19
C ASP C 101 16.01 -0.99 7.68
N TYR C 102 15.80 -0.02 8.58
CA TYR C 102 14.48 0.42 9.05
C TYR C 102 13.59 -0.73 9.54
N ASN C 103 14.20 -1.81 9.99
CA ASN C 103 13.45 -2.95 10.51
C ASN C 103 13.68 -3.17 12.01
N ASP C 104 14.38 -2.23 12.66
CA ASP C 104 14.88 -2.47 14.01
C ASP C 104 13.74 -2.71 14.99
N ALA C 105 12.68 -1.89 14.92
CA ALA C 105 11.35 -2.26 15.36
C ALA C 105 10.39 -2.06 14.18
N VAL C 106 9.57 -3.08 13.92
CA VAL C 106 8.51 -3.03 12.91
C VAL C 106 7.18 -3.18 13.64
N VAL C 107 6.22 -2.32 13.32
CA VAL C 107 4.91 -2.34 13.98
C VAL C 107 3.83 -2.42 12.91
N VAL C 108 2.90 -3.34 13.10
CA VAL C 108 1.77 -3.51 12.19
C VAL C 108 0.50 -3.33 12.99
N ILE C 109 -0.35 -2.40 12.55
CA ILE C 109 -1.69 -2.19 13.10
C ILE C 109 -2.70 -2.67 12.07
N ASN C 110 -3.70 -3.46 12.51
CA ASN C 110 -4.69 -3.98 11.56
C ASN C 110 -6.10 -3.81 12.12
N TRP C 111 -7.05 -3.53 11.22
CA TRP C 111 -8.46 -3.44 11.59
C TRP C 111 -9.26 -3.57 10.30
N PRO C 112 -10.55 -3.92 10.40
CA PRO C 112 -11.33 -4.28 11.58
C PRO C 112 -10.97 -5.66 12.13
N LEU C 113 -11.39 -5.90 13.37
CA LEU C 113 -11.23 -7.20 14.01
C LEU C 113 -12.59 -7.90 14.07
N GLY C 114 -12.57 -9.14 14.55
CA GLY C 114 -13.79 -9.90 14.80
C GLY C 114 -14.33 -10.72 13.66
N ALA D 1 14.02 9.65 7.30
CA ALA D 1 14.47 8.67 6.32
C ALA D 1 14.41 9.28 4.95
N THR D 2 15.25 8.78 4.04
CA THR D 2 15.25 9.24 2.65
C THR D 2 13.89 8.96 2.01
N GLN D 3 13.40 9.94 1.24
CA GLN D 3 12.15 9.80 0.50
C GLN D 3 12.37 10.19 -0.96
N GLY D 4 11.52 9.67 -1.84
CA GLY D 4 11.57 10.01 -3.23
C GLY D 4 12.61 9.25 -4.03
N VAL D 5 13.21 8.21 -3.45
CA VAL D 5 14.22 7.40 -4.10
C VAL D 5 13.67 6.01 -4.28
N PHE D 6 13.72 5.49 -5.50
CA PHE D 6 13.15 4.19 -5.79
C PHE D 6 14.13 3.37 -6.60
N THR D 7 14.24 2.08 -6.28
CA THR D 7 15.03 1.17 -7.11
C THR D 7 14.11 0.41 -8.06
N LEU D 8 14.26 0.68 -9.34
CA LEU D 8 13.51 -0.01 -10.37
C LEU D 8 14.34 -1.12 -10.96
N PRO D 9 13.71 -2.12 -11.57
CA PRO D 9 14.48 -3.09 -12.36
C PRO D 9 15.27 -2.36 -13.44
N ALA D 10 16.47 -2.86 -13.72
CA ALA D 10 17.34 -2.21 -14.68
C ALA D 10 16.76 -2.30 -16.09
N ASN D 11 17.13 -1.31 -16.91
CA ASN D 11 16.78 -1.25 -18.33
C ASN D 11 15.28 -1.44 -18.55
N THR D 12 14.48 -0.71 -17.79
CA THR D 12 13.04 -0.86 -17.83
C THR D 12 12.39 0.50 -18.04
N ARG D 13 11.41 0.55 -18.93
CA ARG D 13 10.66 1.79 -19.12
C ARG D 13 9.71 2.03 -17.95
N PHE D 14 9.53 3.31 -17.61
CA PHE D 14 8.56 3.68 -16.59
C PHE D 14 7.94 5.02 -16.95
N GLY D 15 6.72 5.24 -16.49
CA GLY D 15 6.05 6.51 -16.65
C GLY D 15 6.27 7.36 -15.42
N VAL D 16 6.44 8.66 -15.62
CA VAL D 16 6.42 9.62 -14.52
C VAL D 16 5.45 10.73 -14.88
N THR D 17 4.57 11.08 -13.94
CA THR D 17 3.52 12.07 -14.17
C THR D 17 3.46 12.95 -12.93
N ALA D 18 3.42 14.27 -13.12
CA ALA D 18 3.43 15.20 -11.99
C ALA D 18 2.21 16.10 -12.05
N PHE D 19 1.56 16.27 -10.91
CA PHE D 19 0.37 17.10 -10.70
C PHE D 19 0.73 18.23 -9.75
N ALA D 20 0.07 19.38 -9.93
CA ALA D 20 0.32 20.53 -9.05
C ALA D 20 -0.95 20.94 -8.32
N ASN D 21 -0.79 21.33 -7.04
CA ASN D 21 -1.88 21.79 -6.17
C ASN D 21 -1.28 22.84 -5.21
N SER D 22 -1.02 24.02 -5.76
CA SER D 22 -0.33 25.06 -5.01
C SER D 22 -0.43 26.34 -5.81
N SER D 23 -0.40 27.45 -5.10
CA SER D 23 -0.25 28.71 -5.78
C SER D 23 1.20 28.97 -6.22
N GLY D 24 2.16 28.21 -5.70
CA GLY D 24 3.54 28.36 -6.12
C GLY D 24 3.89 27.49 -7.31
N THR D 25 4.84 27.97 -8.11
CA THR D 25 5.31 27.22 -9.27
C THR D 25 6.16 26.04 -8.80
N GLN D 26 5.75 24.84 -9.17
CA GLN D 26 6.48 23.64 -8.81
C GLN D 26 7.49 23.30 -9.88
N THR D 27 8.68 22.88 -9.45
CA THR D 27 9.67 22.30 -10.34
C THR D 27 9.97 20.89 -9.87
N VAL D 28 9.66 19.92 -10.71
CA VAL D 28 9.87 18.51 -10.40
C VAL D 28 11.05 18.01 -11.22
N ASN D 29 12.08 17.50 -10.56
CA ASN D 29 13.23 16.92 -11.23
C ASN D 29 13.23 15.41 -11.06
N VAL D 30 13.45 14.69 -12.15
CA VAL D 30 13.54 13.24 -12.10
C VAL D 30 14.97 12.85 -12.46
N LEU D 31 15.65 12.17 -11.54
CA LEU D 31 17.04 11.77 -11.72
C LEU D 31 17.07 10.27 -11.95
N VAL D 32 17.83 9.86 -12.97
CA VAL D 32 18.09 8.45 -13.23
C VAL D 32 19.59 8.24 -13.15
N ASN D 33 20.03 7.31 -12.30
CA ASN D 33 21.45 7.11 -12.05
C ASN D 33 22.14 8.44 -11.72
N ASN D 34 21.46 9.25 -10.91
CA ASN D 34 21.94 10.53 -10.39
C ASN D 34 22.12 11.61 -11.46
N GLU D 35 21.55 11.42 -12.64
CA GLU D 35 21.60 12.46 -13.67
C GLU D 35 20.18 12.88 -14.04
N THR D 36 19.99 14.16 -14.32
CA THR D 36 18.66 14.67 -14.58
C THR D 36 18.13 14.08 -15.88
N ALA D 37 16.98 13.40 -15.79
CA ALA D 37 16.37 12.75 -16.92
C ALA D 37 15.12 13.46 -17.41
N ALA D 38 14.46 14.23 -16.55
CA ALA D 38 13.31 15.02 -16.93
C ALA D 38 13.09 16.08 -15.88
N THR D 39 12.57 17.22 -16.33
CA THR D 39 12.20 18.30 -15.45
C THR D 39 10.85 18.84 -15.89
N PHE D 40 9.95 19.00 -14.93
CA PHE D 40 8.65 19.61 -15.19
C PHE D 40 8.49 20.84 -14.33
N SER D 41 7.94 21.91 -14.91
CA SER D 41 7.64 23.09 -14.13
C SER D 41 6.29 23.65 -14.55
N GLY D 42 5.49 24.02 -13.56
CA GLY D 42 4.16 24.57 -13.81
C GLY D 42 3.49 24.93 -12.51
N GLN D 43 2.26 25.43 -12.64
CA GLN D 43 1.50 25.88 -11.49
C GLN D 43 0.03 25.56 -11.70
N SER D 44 -0.61 25.02 -10.64
CA SER D 44 -2.03 24.74 -10.66
C SER D 44 -2.52 24.55 -9.23
N THR D 45 -3.73 25.02 -8.95
CA THR D 45 -4.40 24.70 -7.70
C THR D 45 -5.50 23.67 -7.92
N ASN D 46 -5.54 23.05 -9.11
CA ASN D 46 -6.62 22.19 -9.54
C ASN D 46 -6.06 20.88 -10.10
N ASN D 47 -4.93 20.42 -9.58
CA ASN D 47 -4.35 19.11 -9.90
C ASN D 47 -3.94 18.97 -11.38
N ALA D 48 -3.65 20.08 -12.07
CA ALA D 48 -3.29 19.94 -13.48
C ALA D 48 -1.99 19.16 -13.64
N VAL D 49 -1.90 18.43 -14.74
CA VAL D 49 -0.68 17.71 -15.04
C VAL D 49 0.35 18.69 -15.55
N ILE D 50 1.46 18.86 -14.82
CA ILE D 50 2.51 19.76 -15.27
C ILE D 50 3.58 19.03 -16.06
N GLY D 51 3.56 17.71 -16.08
CA GLY D 51 4.42 16.95 -16.96
C GLY D 51 4.08 15.48 -16.91
N THR D 52 4.27 14.80 -18.03
CA THR D 52 4.19 13.35 -18.08
C THR D 52 5.18 12.89 -19.14
N GLN D 53 5.89 11.82 -18.84
CA GLN D 53 6.95 11.39 -19.73
C GLN D 53 7.25 9.92 -19.48
N VAL D 54 7.71 9.25 -20.54
CA VAL D 54 8.23 7.89 -20.46
C VAL D 54 9.74 7.99 -20.36
N LEU D 55 10.32 7.29 -19.37
CA LEU D 55 11.76 7.28 -19.16
C LEU D 55 12.28 5.86 -19.08
N ASN D 56 13.59 5.70 -19.20
CA ASN D 56 14.21 4.40 -18.94
C ASN D 56 15.05 4.44 -17.68
N SER D 57 14.97 3.34 -16.90
CA SER D 57 15.62 3.21 -15.60
C SER D 57 17.13 2.99 -15.72
N GLY D 58 17.62 2.68 -16.92
CA GLY D 58 19.06 2.59 -17.15
C GLY D 58 19.74 1.38 -16.52
N SER D 59 21.07 1.45 -16.53
CA SER D 59 21.87 0.35 -16.00
C SER D 59 21.65 0.13 -14.51
N SER D 60 21.40 1.21 -13.76
CA SER D 60 21.36 1.14 -12.32
C SER D 60 19.95 0.96 -11.76
N GLY D 61 18.93 1.39 -12.49
CA GLY D 61 17.58 1.35 -11.96
C GLY D 61 17.29 2.36 -10.86
N LYS D 62 18.23 3.24 -10.51
CA LYS D 62 18.01 4.19 -9.43
C LYS D 62 17.25 5.41 -9.96
N VAL D 63 16.09 5.70 -9.37
CA VAL D 63 15.28 6.85 -9.78
C VAL D 63 15.02 7.73 -8.57
N GLN D 64 15.26 9.04 -8.71
CA GLN D 64 15.04 9.95 -7.61
C GLN D 64 14.20 11.11 -8.08
N VAL D 65 13.19 11.45 -7.28
CA VAL D 65 12.32 12.61 -7.52
C VAL D 65 12.70 13.70 -6.55
N GLN D 66 12.89 14.92 -7.06
CA GLN D 66 13.12 16.09 -6.25
C GLN D 66 12.10 17.15 -6.63
N VAL D 67 11.62 17.90 -5.64
CA VAL D 67 10.65 18.97 -5.88
C VAL D 67 11.15 20.23 -5.19
N SER D 68 11.01 21.36 -5.86
CA SER D 68 11.30 22.64 -5.23
C SER D 68 10.34 23.70 -5.71
N VAL D 69 10.25 24.78 -4.94
CA VAL D 69 9.41 25.94 -5.20
C VAL D 69 10.21 27.19 -4.89
N ASN D 70 10.31 28.10 -5.86
CA ASN D 70 11.11 29.31 -5.69
C ASN D 70 12.52 28.96 -5.19
N GLY D 71 13.04 27.82 -5.67
CA GLY D 71 14.37 27.38 -5.28
C GLY D 71 14.48 26.64 -3.95
N ARG D 72 13.42 26.59 -3.16
CA ARG D 72 13.53 25.89 -1.89
C ARG D 72 13.05 24.46 -2.03
N PRO D 73 13.84 23.47 -1.64
CA PRO D 73 13.34 22.08 -1.67
C PRO D 73 12.10 21.90 -0.81
N SER D 74 11.11 21.21 -1.37
CA SER D 74 9.94 20.80 -0.62
C SER D 74 10.23 19.52 0.16
N ASP D 75 9.56 19.38 1.29
CA ASP D 75 9.63 18.13 2.06
C ASP D 75 8.88 17.03 1.31
N LEU D 76 9.47 15.85 1.20
CA LEU D 76 8.87 14.74 0.46
C LEU D 76 8.34 13.63 1.36
N VAL D 77 7.24 12.99 0.91
CA VAL D 77 6.83 11.68 1.43
C VAL D 77 6.71 10.74 0.24
N SER D 78 6.94 9.44 0.49
CA SER D 78 6.90 8.51 -0.63
C SER D 78 6.67 7.08 -0.15
N ALA D 79 6.24 6.24 -1.10
CA ALA D 79 6.19 4.80 -0.89
C ALA D 79 6.05 4.12 -2.25
N GLN D 80 6.24 2.80 -2.23
CA GLN D 80 6.03 1.95 -3.39
C GLN D 80 4.99 0.89 -3.05
N VAL D 81 4.06 0.66 -3.97
CA VAL D 81 3.01 -0.35 -3.83
C VAL D 81 3.04 -1.28 -5.03
N ILE D 82 2.92 -2.57 -4.78
CA ILE D 82 2.90 -3.57 -5.84
C ILE D 82 1.59 -4.34 -5.76
N LEU D 83 0.86 -4.37 -6.86
CA LEU D 83 -0.39 -5.10 -6.97
C LEU D 83 -0.20 -6.36 -7.79
N THR D 84 -0.85 -7.45 -7.34
CA THR D 84 -0.77 -8.80 -7.92
C THR D 84 0.66 -9.16 -8.36
N ASN D 85 1.63 -8.79 -7.51
CA ASN D 85 3.04 -9.16 -7.68
C ASN D 85 3.63 -8.71 -9.04
N GLU D 86 3.03 -7.71 -9.70
CA GLU D 86 3.45 -7.36 -11.07
C GLU D 86 3.40 -5.87 -11.35
N LEU D 87 2.36 -5.19 -10.83
CA LEU D 87 2.12 -3.79 -11.19
C LEU D 87 2.65 -2.87 -10.10
N ASN D 88 3.57 -1.97 -10.48
CA ASN D 88 4.30 -1.14 -9.53
C ASN D 88 3.90 0.32 -9.61
N PHE D 89 3.70 0.92 -8.45
CA PHE D 89 3.50 2.35 -8.31
C PHE D 89 4.51 2.88 -7.33
N ALA D 90 5.27 3.89 -7.74
CA ALA D 90 6.11 4.66 -6.83
C ALA D 90 5.48 6.05 -6.71
N LEU D 91 5.18 6.44 -5.48
CA LEU D 91 4.33 7.59 -5.21
C LEU D 91 5.07 8.64 -4.39
N VAL D 92 4.93 9.92 -4.77
CA VAL D 92 5.60 11.02 -4.07
C VAL D 92 4.61 12.14 -3.81
N GLY D 93 4.58 12.62 -2.55
CA GLY D 93 3.94 13.88 -2.27
C GLY D 93 4.95 14.90 -1.79
N SER D 94 4.60 16.18 -1.82
CA SER D 94 5.56 17.19 -1.41
C SER D 94 4.85 18.37 -0.78
N GLU D 95 5.55 19.01 0.16
CA GLU D 95 4.98 20.12 0.90
C GLU D 95 5.87 21.34 0.74
N ASP D 96 5.30 22.41 0.19
CA ASP D 96 6.04 23.64 -0.01
C ASP D 96 5.75 24.70 1.05
N GLY D 97 4.83 24.43 1.99
CA GLY D 97 4.45 25.42 2.98
C GLY D 97 4.20 24.92 4.38
N THR D 98 3.09 25.34 4.98
CA THR D 98 2.80 25.04 6.36
C THR D 98 1.48 24.31 6.58
N ASP D 99 0.66 24.08 5.56
CA ASP D 99 -0.61 23.41 5.85
C ASP D 99 -0.49 21.89 5.85
N ASN D 100 0.64 21.35 5.41
CA ASN D 100 0.93 19.92 5.42
C ASN D 100 -0.13 19.11 4.67
N ASP D 101 -0.62 19.64 3.55
CA ASP D 101 -1.41 18.74 2.71
C ASP D 101 -0.56 17.85 1.81
N TYR D 102 0.73 18.13 1.63
CA TYR D 102 1.66 17.25 0.91
C TYR D 102 1.18 16.92 -0.50
N ASN D 103 0.36 17.79 -1.08
CA ASN D 103 -0.09 17.63 -2.47
C ASN D 103 0.46 18.69 -3.40
N ASP D 104 1.38 19.54 -2.92
CA ASP D 104 1.71 20.74 -3.66
C ASP D 104 2.30 20.39 -5.02
N ALA D 105 3.15 19.36 -5.04
CA ALA D 105 3.41 18.58 -6.24
C ALA D 105 3.23 17.11 -5.89
N VAL D 106 2.46 16.38 -6.71
CA VAL D 106 2.25 14.95 -6.56
C VAL D 106 2.85 14.27 -7.78
N VAL D 107 3.69 13.26 -7.55
CA VAL D 107 4.37 12.55 -8.62
C VAL D 107 4.01 11.07 -8.54
N VAL D 108 3.55 10.52 -9.66
CA VAL D 108 3.24 9.10 -9.80
C VAL D 108 4.16 8.49 -10.84
N ILE D 109 4.89 7.45 -10.42
CA ILE D 109 5.75 6.64 -11.27
C ILE D 109 5.10 5.25 -11.39
N ASN D 110 4.99 4.75 -12.62
CA ASN D 110 4.38 3.44 -12.79
C ASN D 110 5.16 2.59 -13.79
N TRP D 111 5.18 1.28 -13.51
CA TRP D 111 5.81 0.30 -14.41
C TRP D 111 5.24 -1.08 -14.08
N PRO D 112 5.37 -2.02 -15.02
CA PRO D 112 5.94 -1.92 -16.35
C PRO D 112 5.01 -1.21 -17.31
N LEU D 113 5.56 -0.76 -18.43
CA LEU D 113 4.78 -0.15 -19.51
C LEU D 113 4.52 -1.20 -20.57
N GLY D 114 3.76 -0.82 -21.59
CA GLY D 114 3.64 -1.62 -22.80
C GLY D 114 2.52 -2.64 -22.84
N CYS E 1 -17.79 -18.37 8.59
CA CYS E 1 -17.41 -19.09 7.37
C CYS E 1 -18.56 -19.73 6.63
N DTR E 2 -18.38 -19.83 5.32
CA DTR E 2 -19.23 -20.58 4.44
CB DTR E 2 -18.38 -20.94 3.22
CG DTR E 2 -17.12 -21.76 3.65
CD1 DTR E 2 -15.86 -21.27 3.77
NE1 DTR E 2 -15.17 -22.32 4.12
CE2 DTR E 2 -15.77 -23.57 4.28
CZ2 DTR E 2 -15.38 -24.87 4.63
CH2 DTR E 2 -16.33 -25.88 4.67
CZ3 DTR E 2 -17.65 -25.63 4.37
CE3 DTR E 2 -18.13 -24.33 4.01
CD2 DTR E 2 -17.21 -23.28 3.95
C DTR E 2 -20.41 -19.80 3.86
O DTR E 2 -20.60 -18.63 4.08
N TRP E 3 -21.17 -20.51 3.04
CA TRP E 3 -22.33 -20.00 2.31
C TRP E 3 -23.53 -20.69 2.94
N DLY E 4 -24.41 -19.90 3.56
CA DLY E 4 -25.15 -20.32 4.76
C DLY E 4 -26.52 -19.74 5.06
O DLY E 4 -26.79 -18.56 4.83
CB DLY E 4 -25.21 -21.81 5.02
N LYS E 5 -27.37 -20.58 5.62
CA LYS E 5 -28.57 -20.09 6.30
C LYS E 5 -28.39 -20.16 7.83
N DLY E 6 -28.94 -19.17 8.53
CA DLY E 6 -29.07 -19.24 9.98
C DLY E 6 -27.72 -19.35 10.66
O DLY E 6 -27.58 -20.06 11.65
CB DLY E 6 -29.87 -18.06 10.54
N LYS E 7 -26.73 -18.66 10.12
CA LYS E 7 -25.36 -18.78 10.59
C LYS E 7 -24.90 -20.24 10.56
N DLY E 8 -25.29 -20.96 9.51
CA DLY E 8 -24.47 -22.07 9.08
C DLY E 8 -25.16 -23.32 8.56
O DLY E 8 -24.46 -24.31 8.36
CB DLY E 8 -23.61 -21.51 7.94
CG DLY E 8 -22.78 -20.25 8.21
CD DLY E 8 -22.76 -19.28 7.04
CE DLY E 8 -22.06 -17.97 7.40
NZ DLY E 8 -21.69 -17.13 6.23
N TRP E 9 -26.47 -23.32 8.29
CA TRP E 9 -27.07 -24.48 7.64
C TRP E 9 -26.88 -24.36 6.14
N DTR E 10 -26.08 -25.24 5.54
CA DTR E 10 -25.75 -25.09 4.15
CB DTR E 10 -26.86 -25.70 3.26
CG DTR E 10 -28.28 -25.08 3.28
CD1 DTR E 10 -29.20 -25.40 4.18
NE1 DTR E 10 -30.23 -24.71 3.86
CE2 DTR E 10 -30.21 -23.86 2.77
CD2 DTR E 10 -28.83 -24.07 2.25
C DTR E 10 -24.33 -25.66 3.88
O DTR E 10 -24.08 -26.27 2.87
N CYS E 11 -23.40 -25.43 4.81
CA CYS E 11 -22.01 -25.82 4.63
C CYS E 11 -21.85 -27.33 4.54
N ALA E 12 -20.96 -27.78 3.67
C1 ZDC F . -0.35 -5.87 -25.68
C1M ZDC F . 0.39 -4.86 -26.55
C2 ZDC F . 0.15 -5.83 -24.21
C3 ZDC F . -0.75 -6.76 -23.39
C4 ZDC F . -2.23 -6.47 -23.51
C5 ZDC F . -2.54 -6.67 -25.00
C6 ZDC F . -2.95 -7.98 -25.58
C7 ZDC F . -2.76 -8.15 -27.09
O2 ZDC F . 0.01 -4.49 -23.68
O3 ZDC F . -0.39 -6.57 -22.02
O4 ZDC F . -2.98 -7.39 -22.67
O5 ZDC F . -1.80 -5.70 -25.77
O7A ZDC F . -1.63 -8.02 -27.49
CA CA G . -2.12 -7.25 -20.40
CA CA H . -0.12 -4.27 -21.27
CA CA I . -15.47 -12.78 7.12
CA CA J . -14.10 -11.86 10.43
C1 ZDC K . 22.17 -4.72 14.13
C1M ZDC K . 22.22 -6.17 14.63
C2 ZDC K . 21.24 -4.55 12.88
C3 ZDC K . 21.18 -3.06 12.58
C4 ZDC K . 20.76 -2.25 13.78
C5 ZDC K . 21.86 -2.44 14.82
C6 ZDC K . 23.10 -1.60 14.91
C7 ZDC K . 24.30 -2.24 15.61
O2 ZDC K . 19.90 -4.96 13.15
O3 ZDC K . 20.13 -2.87 11.59
O4 ZDC K . 20.58 -0.86 13.39
O5 ZDC K . 21.83 -3.83 15.23
O7A ZDC K . 24.68 -3.28 15.15
CA CA L . 19.09 -0.64 11.54
CA CA M . 18.03 -4.22 11.86
C1 ZDC N . -1.84 27.01 -1.41
C1M ZDC N . -2.70 27.32 -2.64
C2 ZDC N . -2.11 25.57 -0.90
C3 ZDC N . -1.01 25.12 0.05
C4 ZDC N . 0.37 25.35 -0.49
C5 ZDC N . 0.48 26.87 -0.64
C6 ZDC N . 0.95 27.80 0.44
C7 ZDC N . 0.47 29.26 0.33
O2 ZDC N . -2.10 24.64 -2.02
O3 ZDC N . -1.12 23.69 0.30
O4 ZDC N . 1.31 24.82 0.50
O5 ZDC N . -0.42 27.32 -1.68
O7A ZDC N . -0.72 29.41 0.18
CA CA O . 0.86 22.49 1.08
CA CA P . -1.61 22.27 -1.65
C1 ZDC Q . -17.62 -14.51 12.16
C1M ZDC Q . -17.53 -14.44 13.68
C2 ZDC Q . -17.04 -13.21 11.51
C3 ZDC Q . -17.02 -13.39 10.00
C4 ZDC Q . -16.34 -14.69 9.61
C5 ZDC Q . -17.17 -15.81 10.27
C6 ZDC Q . -18.48 -16.24 9.71
C7 ZDC Q . -18.41 -17.23 8.55
O2 ZDC Q . -15.68 -13.09 11.97
O3 ZDC Q . -16.27 -12.29 9.40
O4 ZDC Q . -16.44 -14.80 8.19
O5 ZDC Q . -16.96 -15.74 11.69
O7A ZDC Q . -18.86 -16.79 7.52
C1 OXE R . -18.10 -24.13 8.29
C2 OXE R . -19.57 -24.44 8.57
C3 OXE R . -19.90 -25.47 9.34
C4 OXE R . -18.85 -26.39 9.91
C5 OXE R . -17.57 -26.12 9.67
C6 OXE R . -17.17 -24.92 8.81
C1' OXE R . -17.68 -22.93 7.45
C2' OXE R . -20.69 -23.56 8.00
#